data_6GCZ
#
_entry.id   6GCZ
#
_cell.length_a   67.385
_cell.length_b   69.416
_cell.length_c   115.587
_cell.angle_alpha   90.00
_cell.angle_beta   90.00
_cell.angle_gamma   90.00
#
_symmetry.space_group_name_H-M   'P 2 21 21'
#
loop_
_entity.id
_entity.type
_entity.pdbx_description
1 polymer 'Starch-binding associating with outer membrane'
2 non-polymer GLYCEROL
3 water water
#
_entity_poly.entity_id   1
_entity_poly.type   'polypeptide(L)'
_entity_poly.pdbx_seq_one_letter_code
;MGSSHHHHHHSSGLVPRGSSEDFIETNPSGTNLESNYYKNETEAYAGLVAVYDVMRKYSGGFENTVSFLNAGSDDHVAGG
GSSSDGAGIQGFSNFTINPTIMPRSYWSDFYQGIFRANVLLTKLPDVPMDESQIMRFTAETKALRALYYFNLVNMFRNVP
LITEPLEPSEFNSVLQADPSAVYTQIEQDLNEAIGNLPDIISDDQKGRFSNGSAKALLGKVYLYQGKNQQAAAVLQEVNG
TPGQTSQYGYKLLDNYDELWTVSNKFNSESILEVAHTNASGSGWGNWGQGTDEGNSINVMLGPRSYNQITEEAPDLPSGW
SFNPVLPELYDLLEGDPRFEATILDLKALEEAGAASYVPGYQDTGYFLNKFIPRVTDVTTLTGEPVLNYRQNTYVIRLAD
TYLMEAEALGGSGARAQALLDAVRARVGLPSTPVSLTAIAKERRLELAGEGHRFYDLVRTGKAAEALSDRGFKAGVNEIL
PIPFQELQSTQIVQNPGY
;
_entity_poly.pdbx_strand_id   A
#
# COMPACT_ATOMS: atom_id res chain seq x y z
N TYR A 38 30.59 6.35 -7.94
CA TYR A 38 30.04 7.59 -7.34
C TYR A 38 31.16 8.50 -6.94
N LYS A 39 31.25 9.64 -7.60
CA LYS A 39 32.30 10.60 -7.34
C LYS A 39 32.11 11.18 -5.95
N ASN A 40 30.85 11.37 -5.55
CA ASN A 40 30.55 12.15 -4.35
C ASN A 40 29.14 11.81 -3.74
N GLU A 41 28.78 12.55 -2.72
CA GLU A 41 27.49 12.38 -2.04
C GLU A 41 26.35 12.53 -3.04
N THR A 42 26.38 13.61 -3.80
CA THR A 42 25.27 13.92 -4.70
C THR A 42 24.98 12.74 -5.61
N GLU A 43 26.01 12.08 -6.11
CA GLU A 43 25.80 10.98 -7.00
C GLU A 43 25.27 9.78 -6.28
N ALA A 44 25.81 9.57 -5.09
CA ALA A 44 25.40 8.51 -4.18
C ALA A 44 23.93 8.66 -3.82
N TYR A 45 23.52 9.90 -3.56
CA TYR A 45 22.15 10.15 -3.22
C TYR A 45 21.25 9.84 -4.40
N ALA A 46 21.65 10.23 -5.59
CA ALA A 46 20.86 9.87 -6.79
C ALA A 46 20.67 8.40 -6.93
N GLY A 47 21.69 7.62 -6.56
CA GLY A 47 21.54 6.17 -6.56
C GLY A 47 20.51 5.66 -5.55
N LEU A 48 20.49 6.30 -4.38
CA LEU A 48 19.51 5.95 -3.33
C LEU A 48 18.07 6.38 -3.78
N VAL A 49 17.94 7.55 -4.39
CA VAL A 49 16.62 8.00 -4.91
C VAL A 49 16.07 6.97 -5.86
N ALA A 50 16.94 6.31 -6.64
CA ALA A 50 16.48 5.37 -7.62
C ALA A 50 15.97 4.11 -6.95
N VAL A 51 16.47 3.79 -5.76
CA VAL A 51 15.91 2.67 -5.00
C VAL A 51 14.54 3.09 -4.40
N TYR A 52 14.47 4.29 -3.85
CA TYR A 52 13.18 4.79 -3.32
C TYR A 52 12.08 4.89 -4.39
N ASP A 53 12.44 5.15 -5.63
CA ASP A 53 11.45 5.35 -6.69
C ASP A 53 10.47 4.20 -6.85
N VAL A 54 10.93 2.97 -6.55
CA VAL A 54 10.15 1.75 -6.71
C VAL A 54 8.93 1.76 -5.75
N MET A 55 8.95 2.56 -4.66
CA MET A 55 7.76 2.71 -3.81
C MET A 55 6.55 3.30 -4.59
N ARG A 56 6.79 3.97 -5.70
CA ARG A 56 5.64 4.48 -6.52
C ARG A 56 4.80 3.37 -7.14
N LYS A 57 5.31 2.14 -7.11
CA LYS A 57 4.54 0.94 -7.50
C LYS A 57 3.28 0.73 -6.68
N TYR A 58 3.18 1.34 -5.48
CA TYR A 58 1.95 1.23 -4.71
C TYR A 58 0.74 1.90 -5.42
N SER A 59 1.00 2.99 -6.13
CA SER A 59 -0.10 3.86 -6.63
C SER A 59 0.12 4.52 -7.98
N GLY A 60 1.24 4.23 -8.60
CA GLY A 60 1.67 4.79 -9.90
C GLY A 60 1.66 3.72 -10.98
N GLY A 61 1.27 4.15 -12.17
CA GLY A 61 0.99 3.27 -13.30
C GLY A 61 -0.30 2.49 -13.17
N PHE A 62 -0.72 1.88 -14.26
CA PHE A 62 -1.94 1.06 -14.21
C PHE A 62 -1.82 -0.11 -13.25
N GLU A 63 -0.67 -0.81 -13.33
CA GLU A 63 -0.43 -2.02 -12.58
C GLU A 63 0.20 -1.69 -11.21
N ASN A 64 -0.52 -0.92 -10.42
CA ASN A 64 -0.11 -0.55 -9.05
C ASN A 64 -0.62 -1.55 -8.06
N THR A 65 -0.01 -1.63 -6.87
CA THR A 65 -0.44 -2.69 -5.94
C THR A 65 -1.74 -2.42 -5.21
N VAL A 66 -1.99 -1.16 -4.84
CA VAL A 66 -3.15 -0.88 -4.04
C VAL A 66 -4.47 -1.17 -4.76
N SER A 67 -4.64 -0.74 -6.03
CA SER A 67 -5.94 -1.02 -6.68
C SER A 67 -6.11 -2.54 -7.00
N PHE A 68 -5.02 -3.25 -7.27
CA PHE A 68 -5.05 -4.67 -7.56
C PHE A 68 -5.44 -5.43 -6.28
N LEU A 69 -4.77 -5.12 -5.17
CA LEU A 69 -5.13 -5.73 -3.91
C LEU A 69 -6.56 -5.40 -3.47
N ASN A 70 -7.02 -4.17 -3.67
CA ASN A 70 -8.36 -3.81 -3.37
C ASN A 70 -9.36 -4.72 -4.13
N ALA A 71 -9.06 -4.98 -5.40
CA ALA A 71 -9.94 -5.79 -6.28
C ALA A 71 -10.20 -7.21 -5.86
N GLY A 72 -9.19 -7.82 -5.24
CA GLY A 72 -9.34 -9.15 -4.63
C GLY A 72 -9.98 -9.28 -3.25
N SER A 73 -10.31 -8.14 -2.60
CA SER A 73 -10.95 -8.17 -1.27
C SER A 73 -12.48 -8.27 -1.35
N ASP A 74 -13.13 -8.43 -0.20
CA ASP A 74 -14.57 -8.42 -0.08
C ASP A 74 -15.22 -7.06 0.00
N ASP A 75 -14.45 -6.00 -0.30
CA ASP A 75 -14.88 -4.64 -0.27
C ASP A 75 -15.04 -4.01 -1.69
N HIS A 76 -14.37 -4.59 -2.67
CA HIS A 76 -14.30 -4.06 -4.05
C HIS A 76 -14.30 -5.20 -5.08
N VAL A 77 -14.58 -4.84 -6.34
CA VAL A 77 -14.15 -5.61 -7.50
C VAL A 77 -13.19 -4.75 -8.34
N ALA A 78 -12.67 -5.31 -9.41
CA ALA A 78 -11.84 -4.55 -10.33
C ALA A 78 -12.57 -3.39 -10.92
N GLY A 79 -13.76 -3.62 -11.49
CA GLY A 79 -14.52 -2.56 -12.15
C GLY A 79 -13.92 -2.28 -13.54
N GLY A 80 -13.72 -0.99 -13.84
CA GLY A 80 -13.15 -0.62 -15.11
C GLY A 80 -14.28 -0.47 -16.14
N GLY A 81 -13.93 -0.57 -17.43
CA GLY A 81 -14.84 -0.26 -18.50
C GLY A 81 -15.49 -1.54 -19.08
N SER A 82 -14.87 -2.70 -18.92
CA SER A 82 -15.46 -3.97 -19.40
C SER A 82 -14.76 -5.11 -18.75
N SER A 83 -15.31 -6.30 -18.95
CA SER A 83 -14.70 -7.55 -18.42
C SER A 83 -13.28 -7.79 -18.85
N SER A 84 -12.82 -7.18 -19.93
CA SER A 84 -11.42 -7.40 -20.37
C SER A 84 -10.48 -6.21 -20.10
N ASP A 85 -10.98 -5.25 -19.32
CA ASP A 85 -10.23 -4.02 -18.98
C ASP A 85 -9.19 -4.26 -17.84
N GLY A 86 -8.03 -4.72 -18.24
CA GLY A 86 -6.93 -5.11 -17.36
C GLY A 86 -7.05 -6.58 -17.03
N ALA A 87 -6.41 -7.44 -17.84
CA ALA A 87 -6.73 -8.85 -17.72
C ALA A 87 -6.35 -9.37 -16.32
N GLY A 88 -5.22 -8.90 -15.83
CA GLY A 88 -4.72 -9.26 -14.52
C GLY A 88 -5.64 -8.87 -13.39
N ILE A 89 -5.99 -7.59 -13.29
CA ILE A 89 -6.88 -7.15 -12.19
C ILE A 89 -8.29 -7.81 -12.26
N GLN A 90 -8.86 -7.99 -13.46
CA GLN A 90 -10.12 -8.67 -13.66
C GLN A 90 -10.03 -10.13 -13.25
N GLY A 91 -8.89 -10.77 -13.54
CA GLY A 91 -8.63 -12.13 -13.14
C GLY A 91 -8.49 -12.34 -11.63
N PHE A 92 -7.87 -11.36 -10.97
CA PHE A 92 -7.81 -11.41 -9.49
C PHE A 92 -9.19 -11.23 -8.90
N SER A 93 -9.99 -10.30 -9.45
CA SER A 93 -11.25 -9.87 -8.88
C SER A 93 -12.27 -11.02 -8.93
N ASN A 94 -12.17 -11.90 -9.93
CA ASN A 94 -13.07 -13.09 -9.94
C ASN A 94 -12.35 -14.43 -9.74
N PHE A 95 -11.14 -14.35 -9.21
CA PHE A 95 -10.28 -15.48 -8.94
C PHE A 95 -10.10 -16.51 -10.09
N THR A 96 -10.02 -16.00 -11.31
CA THR A 96 -9.59 -16.79 -12.44
C THR A 96 -8.15 -16.52 -12.77
N ILE A 97 -7.49 -15.69 -11.95
CA ILE A 97 -6.10 -15.32 -12.14
C ILE A 97 -5.21 -16.54 -12.36
N ASN A 98 -4.24 -16.43 -13.24
CA ASN A 98 -3.39 -17.55 -13.65
C ASN A 98 -2.05 -17.07 -14.17
N PRO A 99 -1.13 -18.00 -14.42
CA PRO A 99 0.19 -17.47 -14.65
C PRO A 99 0.34 -16.70 -15.98
N THR A 100 -0.58 -16.91 -16.93
CA THR A 100 -0.54 -16.22 -18.23
C THR A 100 -0.94 -14.75 -18.11
N ILE A 101 -1.97 -14.46 -17.33
CA ILE A 101 -2.51 -13.10 -17.21
C ILE A 101 -2.03 -12.31 -15.98
N MET A 102 -1.27 -12.95 -15.10
CA MET A 102 -0.66 -12.25 -13.96
C MET A 102 0.38 -11.26 -14.42
N PRO A 103 0.16 -9.94 -14.22
CA PRO A 103 1.16 -9.03 -14.76
C PRO A 103 2.56 -9.23 -14.22
N ARG A 104 3.51 -9.32 -15.14
CA ARG A 104 4.90 -9.54 -14.79
C ARG A 104 5.50 -8.43 -13.95
N SER A 105 5.01 -7.19 -14.10
CA SER A 105 5.62 -6.07 -13.40
C SER A 105 5.49 -6.26 -11.86
N TYR A 106 4.52 -7.02 -11.37
CA TYR A 106 4.38 -7.16 -9.89
C TYR A 106 5.55 -7.95 -9.33
N TRP A 107 6.18 -8.74 -10.19
CA TRP A 107 7.39 -9.47 -9.79
C TRP A 107 8.60 -8.67 -10.14
N SER A 108 8.75 -8.34 -11.42
CA SER A 108 9.97 -7.68 -11.83
C SER A 108 10.22 -6.30 -11.25
N ASP A 109 9.20 -5.46 -11.02
CA ASP A 109 9.49 -4.13 -10.54
C ASP A 109 10.11 -4.15 -9.16
N PHE A 110 9.62 -5.02 -8.30
CA PHE A 110 10.21 -5.14 -6.96
C PHE A 110 11.63 -5.73 -7.04
N TYR A 111 11.81 -6.70 -7.93
CA TYR A 111 13.19 -7.26 -8.12
C TYR A 111 14.14 -6.17 -8.64
N GLN A 112 13.63 -5.30 -9.54
CA GLN A 112 14.47 -4.19 -10.02
C GLN A 112 14.94 -3.33 -8.83
N GLY A 113 14.03 -2.99 -7.92
CA GLY A 113 14.38 -2.21 -6.73
C GLY A 113 15.39 -2.95 -5.85
N ILE A 114 15.18 -4.24 -5.63
CA ILE A 114 16.13 -5.07 -4.84
C ILE A 114 17.52 -5.09 -5.48
N PHE A 115 17.59 -5.32 -6.80
CA PHE A 115 18.91 -5.39 -7.47
C PHE A 115 19.62 -4.07 -7.37
N ARG A 116 18.91 -2.94 -7.55
CA ARG A 116 19.50 -1.64 -7.28
C ARG A 116 20.03 -1.45 -5.89
N ALA A 117 19.27 -1.93 -4.89
CA ALA A 117 19.69 -1.81 -3.53
C ALA A 117 21.00 -2.76 -3.33
N ASN A 118 20.95 -3.94 -3.93
CA ASN A 118 22.09 -4.92 -3.78
C ASN A 118 23.42 -4.29 -4.29
N VAL A 119 23.37 -3.66 -5.48
CA VAL A 119 24.53 -2.98 -6.06
C VAL A 119 24.91 -1.78 -5.24
N LEU A 120 23.93 -1.00 -4.83
CA LEU A 120 24.24 0.17 -4.10
C LEU A 120 24.86 -0.16 -2.77
N LEU A 121 24.49 -1.26 -2.13
CA LEU A 121 25.18 -1.61 -0.86
C LEU A 121 26.71 -1.92 -1.09
N THR A 122 27.07 -2.43 -2.25
CA THR A 122 28.49 -2.70 -2.56
C THR A 122 29.24 -1.41 -2.83
N LYS A 123 28.55 -0.35 -3.29
CA LYS A 123 29.21 0.91 -3.65
C LYS A 123 29.31 1.92 -2.55
N LEU A 124 28.39 1.88 -1.59
CA LEU A 124 28.40 2.92 -0.56
C LEU A 124 29.66 2.99 0.31
N PRO A 125 30.24 1.86 0.67
CA PRO A 125 31.35 2.04 1.63
C PRO A 125 32.52 2.89 1.07
N ASP A 126 32.68 2.89 -0.25
CA ASP A 126 33.80 3.59 -0.91
C ASP A 126 33.53 5.04 -1.27
N VAL A 127 32.31 5.53 -1.10
CA VAL A 127 31.98 6.92 -1.47
C VAL A 127 32.74 7.99 -0.66
N PRO A 128 33.37 8.95 -1.36
CA PRO A 128 33.98 10.07 -0.64
C PRO A 128 32.97 11.03 -0.05
N MET A 129 32.45 10.67 1.11
CA MET A 129 31.56 11.55 1.91
C MET A 129 31.59 11.15 3.37
N ASP A 130 31.06 12.00 4.24
CA ASP A 130 31.01 11.74 5.68
C ASP A 130 30.51 10.33 5.97
N GLU A 131 31.21 9.65 6.90
CA GLU A 131 30.86 8.32 7.37
C GLU A 131 29.38 8.21 7.92
N SER A 132 28.95 9.21 8.65
CA SER A 132 27.55 9.30 9.11
C SER A 132 26.55 9.25 7.92
N GLN A 133 26.91 9.76 6.74
CA GLN A 133 26.03 9.64 5.57
C GLN A 133 26.09 8.27 4.93
N ILE A 134 27.30 7.66 4.87
CA ILE A 134 27.36 6.25 4.46
C ILE A 134 26.47 5.38 5.35
N MET A 135 26.53 5.65 6.66
CA MET A 135 25.75 4.87 7.60
C MET A 135 24.22 5.08 7.33
N ARG A 136 23.79 6.33 7.22
CA ARG A 136 22.35 6.60 6.95
C ARG A 136 21.93 5.97 5.64
N PHE A 137 22.66 6.27 4.55
CA PHE A 137 22.24 5.76 3.22
C PHE A 137 22.18 4.28 3.25
N THR A 138 23.14 3.65 3.95
CA THR A 138 23.19 2.21 3.98
C THR A 138 21.98 1.63 4.70
N ALA A 139 21.63 2.24 5.82
CA ALA A 139 20.41 1.83 6.56
C ALA A 139 19.14 2.02 5.71
N GLU A 140 19.04 3.15 5.03
CA GLU A 140 17.82 3.36 4.15
C GLU A 140 17.70 2.32 3.05
N THR A 141 18.86 1.91 2.49
CA THR A 141 18.87 0.92 1.42
C THR A 141 18.44 -0.43 1.89
N LYS A 142 18.88 -0.81 3.09
CA LYS A 142 18.46 -2.05 3.71
C LYS A 142 16.96 -2.06 4.02
N ALA A 143 16.47 -0.93 4.54
CA ALA A 143 15.04 -0.79 4.89
C ALA A 143 14.20 -0.99 3.64
N LEU A 144 14.67 -0.44 2.53
CA LEU A 144 13.97 -0.57 1.22
C LEU A 144 13.99 -1.97 0.69
N ARG A 145 15.17 -2.63 0.78
CA ARG A 145 15.24 -3.98 0.35
C ARG A 145 14.27 -4.84 1.17
N ALA A 146 14.19 -4.59 2.46
CA ALA A 146 13.28 -5.34 3.31
C ALA A 146 11.81 -5.15 2.90
N LEU A 147 11.47 -3.89 2.64
CA LEU A 147 10.09 -3.52 2.21
C LEU A 147 9.75 -4.26 0.95
N TYR A 148 10.66 -4.26 -0.05
CA TYR A 148 10.36 -4.85 -1.36
C TYR A 148 10.29 -6.37 -1.31
N TYR A 149 11.17 -6.98 -0.49
CA TYR A 149 11.04 -8.39 -0.25
C TYR A 149 9.76 -8.76 0.52
N PHE A 150 9.33 -7.93 1.44
CA PHE A 150 8.07 -8.14 2.13
C PHE A 150 6.89 -8.10 1.16
N ASN A 151 6.90 -7.11 0.24
CA ASN A 151 5.92 -7.09 -0.88
C ASN A 151 5.91 -8.39 -1.68
N LEU A 152 7.09 -8.87 -2.02
CA LEU A 152 7.14 -10.14 -2.83
C LEU A 152 6.68 -11.35 -2.04
N VAL A 153 7.08 -11.46 -0.78
CA VAL A 153 6.67 -12.63 -0.05
C VAL A 153 5.16 -12.65 0.19
N ASN A 154 4.58 -11.49 0.49
CA ASN A 154 3.15 -11.43 0.66
C ASN A 154 2.37 -11.77 -0.62
N MET A 155 2.84 -11.31 -1.79
CA MET A 155 2.08 -11.57 -2.99
C MET A 155 2.35 -13.00 -3.50
N PHE A 156 3.61 -13.40 -3.53
CA PHE A 156 4.02 -14.62 -4.24
C PHE A 156 4.49 -15.80 -3.36
N ARG A 157 5.00 -15.48 -2.15
CA ARG A 157 5.39 -16.43 -1.03
C ARG A 157 6.70 -17.16 -1.30
N ASN A 158 6.84 -17.66 -2.52
CA ASN A 158 7.99 -18.49 -2.90
C ASN A 158 8.87 -17.79 -3.95
N VAL A 159 9.93 -17.15 -3.50
CA VAL A 159 10.74 -16.32 -4.35
C VAL A 159 12.23 -16.50 -4.10
N PRO A 160 13.06 -16.24 -5.11
CA PRO A 160 14.48 -16.36 -4.86
C PRO A 160 14.98 -15.27 -3.97
N LEU A 161 15.88 -15.64 -3.06
CA LEU A 161 16.50 -14.71 -2.17
C LEU A 161 17.83 -14.27 -2.70
N ILE A 162 17.87 -13.04 -3.20
CA ILE A 162 19.07 -12.46 -3.82
C ILE A 162 19.50 -11.22 -3.07
N THR A 163 20.71 -11.25 -2.51
CA THR A 163 21.20 -10.14 -1.69
C THR A 163 22.51 -9.52 -2.18
N GLU A 164 23.08 -10.04 -3.27
CA GLU A 164 24.32 -9.51 -3.83
C GLU A 164 24.25 -9.44 -5.36
N PRO A 165 25.02 -8.56 -5.99
CA PRO A 165 24.97 -8.56 -7.46
C PRO A 165 25.25 -9.96 -8.05
N LEU A 166 24.42 -10.42 -8.99
CA LEU A 166 24.56 -11.79 -9.46
C LEU A 166 25.61 -11.78 -10.62
N GLU A 167 26.47 -12.80 -10.68
CA GLU A 167 27.28 -13.01 -11.88
C GLU A 167 26.27 -13.46 -12.97
N PRO A 168 26.60 -13.24 -14.27
CA PRO A 168 25.66 -13.61 -15.37
C PRO A 168 25.13 -15.05 -15.32
N SER A 169 25.90 -15.93 -14.68
CA SER A 169 25.57 -17.35 -14.46
C SER A 169 24.78 -17.67 -13.15
N GLU A 170 25.17 -17.07 -12.02
CA GLU A 170 24.31 -17.09 -10.81
C GLU A 170 22.85 -16.76 -11.23
N PHE A 171 22.69 -15.67 -11.99
CA PHE A 171 21.37 -15.09 -12.34
C PHE A 171 20.29 -16.10 -12.75
N ASN A 172 20.50 -16.85 -13.84
CA ASN A 172 19.44 -17.71 -14.41
C ASN A 172 19.21 -19.03 -13.65
N SER A 173 20.00 -19.30 -12.63
CA SER A 173 20.01 -20.59 -11.93
C SER A 173 19.59 -20.54 -10.45
N VAL A 174 19.29 -19.36 -9.89
CA VAL A 174 18.92 -19.28 -8.47
C VAL A 174 17.59 -19.96 -8.17
N LEU A 175 17.48 -20.57 -7.00
CA LEU A 175 16.25 -21.28 -6.57
C LEU A 175 15.37 -20.41 -5.62
N GLN A 176 14.08 -20.71 -5.60
CA GLN A 176 13.19 -20.13 -4.61
C GLN A 176 13.65 -20.47 -3.20
N ALA A 177 13.54 -19.50 -2.30
CA ALA A 177 13.82 -19.77 -0.90
C ALA A 177 12.55 -20.12 -0.14
N ASP A 178 12.69 -20.78 1.02
CA ASP A 178 11.53 -20.98 1.90
C ASP A 178 11.11 -19.59 2.39
N PRO A 179 9.80 -19.32 2.54
CA PRO A 179 9.47 -17.98 3.04
C PRO A 179 10.22 -17.58 4.33
N SER A 180 10.50 -18.54 5.22
CA SER A 180 11.13 -18.15 6.49
C SER A 180 12.51 -17.62 6.30
N ALA A 181 13.21 -18.05 5.25
CA ALA A 181 14.52 -17.47 4.99
C ALA A 181 14.37 -16.02 4.53
N VAL A 182 13.32 -15.81 3.77
CA VAL A 182 13.09 -14.45 3.23
C VAL A 182 12.75 -13.53 4.38
N TYR A 183 11.88 -14.01 5.25
CA TYR A 183 11.64 -13.31 6.53
C TYR A 183 12.84 -13.07 7.40
N THR A 184 13.74 -14.05 7.51
CA THR A 184 14.95 -13.79 8.24
C THR A 184 15.76 -12.66 7.63
N GLN A 185 15.83 -12.57 6.30
CA GLN A 185 16.56 -11.49 5.65
C GLN A 185 15.83 -10.13 5.91
N ILE A 186 14.50 -10.16 5.88
CA ILE A 186 13.70 -8.91 6.05
C ILE A 186 14.03 -8.37 7.42
N GLU A 187 13.95 -9.23 8.44
CA GLU A 187 14.19 -8.79 9.81
C GLU A 187 15.60 -8.32 10.03
N GLN A 188 16.55 -8.99 9.39
CA GLN A 188 17.94 -8.62 9.57
C GLN A 188 18.21 -7.28 9.00
N ASP A 189 17.75 -7.07 7.76
CA ASP A 189 17.84 -5.78 7.11
C ASP A 189 17.25 -4.70 8.00
N LEU A 190 16.03 -4.90 8.54
CA LEU A 190 15.43 -3.83 9.34
C LEU A 190 16.13 -3.67 10.69
N ASN A 191 16.55 -4.78 11.29
CA ASN A 191 17.35 -4.71 12.57
C ASN A 191 18.66 -3.99 12.39
N GLU A 192 19.34 -4.16 11.25
CA GLU A 192 20.56 -3.39 10.99
C GLU A 192 20.32 -1.92 10.70
N ALA A 193 19.17 -1.58 10.12
CA ALA A 193 18.83 -0.20 9.84
C ALA A 193 18.45 0.56 11.07
N ILE A 194 17.62 -0.06 11.90
CA ILE A 194 17.16 0.58 13.11
C ILE A 194 18.33 0.90 14.02
N GLY A 195 18.44 2.13 14.47
CA GLY A 195 19.56 2.61 15.24
C GLY A 195 20.51 3.42 14.38
N ASN A 196 20.42 3.26 13.07
CA ASN A 196 21.38 3.92 12.14
C ASN A 196 20.69 4.97 11.25
N LEU A 197 19.44 5.33 11.58
CA LEU A 197 18.66 6.32 10.84
C LEU A 197 18.40 7.42 11.78
N PRO A 198 17.94 8.58 11.28
CA PRO A 198 17.43 9.55 12.21
C PRO A 198 16.09 9.16 12.86
N ASP A 199 15.76 9.76 14.02
CA ASP A 199 14.50 9.52 14.68
C ASP A 199 13.44 10.45 14.12
N ILE A 200 13.85 11.68 13.82
CA ILE A 200 12.98 12.75 13.31
C ILE A 200 13.55 13.25 11.95
N ILE A 201 12.73 13.27 10.92
CA ILE A 201 13.15 13.66 9.57
C ILE A 201 12.67 15.10 9.28
N SER A 202 13.52 15.92 8.70
CA SER A 202 13.16 17.30 8.43
C SER A 202 12.08 17.33 7.30
N ASP A 203 11.27 18.39 7.24
CA ASP A 203 10.11 18.43 6.30
C ASP A 203 10.47 18.16 4.83
N ASP A 204 11.58 18.74 4.36
CA ASP A 204 12.03 18.51 2.98
C ASP A 204 12.64 17.12 2.71
N GLN A 205 12.84 16.28 3.73
CA GLN A 205 13.29 14.93 3.51
C GLN A 205 12.22 13.90 3.81
N LYS A 206 11.02 14.37 4.11
CA LYS A 206 10.01 13.43 4.58
C LYS A 206 9.66 12.54 3.41
N GLY A 207 9.46 11.28 3.71
CA GLY A 207 9.27 10.24 2.77
C GLY A 207 10.40 9.22 2.90
N ARG A 208 11.50 9.70 3.43
CA ARG A 208 12.64 8.81 3.74
C ARG A 208 12.47 8.11 5.12
N PHE A 209 13.05 6.92 5.18
CA PHE A 209 13.05 6.08 6.41
C PHE A 209 13.71 6.74 7.62
N SER A 210 13.05 6.54 8.76
CA SER A 210 13.52 6.98 10.09
C SER A 210 13.50 5.76 10.97
N ASN A 211 13.98 5.86 12.20
CA ASN A 211 13.92 4.69 13.09
C ASN A 211 12.51 4.31 13.37
N GLY A 212 11.62 5.30 13.45
CA GLY A 212 10.23 5.05 13.63
C GLY A 212 9.52 4.29 12.55
N SER A 213 9.75 4.64 11.25
CA SER A 213 9.04 3.93 10.22
C SER A 213 9.68 2.56 9.93
N ALA A 214 10.97 2.43 10.16
CA ALA A 214 11.59 1.11 10.09
C ALA A 214 11.04 0.19 11.20
N LYS A 215 10.91 0.70 12.42
CA LYS A 215 10.27 -0.07 13.46
C LYS A 215 8.86 -0.43 13.18
N ALA A 216 8.12 0.50 12.59
CA ALA A 216 6.74 0.20 12.30
C ALA A 216 6.61 -0.93 11.30
N LEU A 217 7.45 -0.84 10.27
CA LEU A 217 7.52 -1.89 9.27
C LEU A 217 7.93 -3.24 9.89
N LEU A 218 8.94 -3.19 10.73
CA LEU A 218 9.38 -4.45 11.41
C LEU A 218 8.22 -5.00 12.23
N GLY A 219 7.44 -4.11 12.87
CA GLY A 219 6.29 -4.58 13.65
C GLY A 219 5.30 -5.33 12.84
N LYS A 220 5.06 -4.81 11.64
CA LYS A 220 4.12 -5.38 10.72
C LYS A 220 4.65 -6.72 10.21
N VAL A 221 5.93 -6.74 9.90
CA VAL A 221 6.62 -7.98 9.47
C VAL A 221 6.49 -9.12 10.54
N TYR A 222 6.79 -8.79 11.79
CA TYR A 222 6.52 -9.72 12.91
C TYR A 222 5.08 -10.15 12.98
N LEU A 223 4.16 -9.19 12.88
CA LEU A 223 2.76 -9.52 12.97
C LEU A 223 2.33 -10.50 11.88
N TYR A 224 2.85 -10.28 10.68
CA TYR A 224 2.47 -11.07 9.53
C TYR A 224 2.97 -12.54 9.68
N GLN A 225 4.01 -12.76 10.47
CA GLN A 225 4.45 -14.14 10.78
C GLN A 225 3.86 -14.75 12.08
N GLY A 226 2.91 -14.08 12.72
CA GLY A 226 2.41 -14.49 14.04
C GLY A 226 3.40 -14.35 15.17
N LYS A 227 4.44 -13.54 15.01
CA LYS A 227 5.35 -13.25 16.08
C LYS A 227 4.84 -12.12 16.96
N ASN A 228 3.80 -12.43 17.71
CA ASN A 228 2.98 -11.40 18.38
C ASN A 228 3.69 -10.65 19.49
N GLN A 229 4.53 -11.36 20.22
CA GLN A 229 5.19 -10.71 21.33
C GLN A 229 6.20 -9.71 20.82
N GLN A 230 6.98 -10.13 19.82
CA GLN A 230 7.97 -9.23 19.18
C GLN A 230 7.28 -8.06 18.46
N ALA A 231 6.16 -8.35 17.77
CA ALA A 231 5.32 -7.26 17.17
C ALA A 231 4.87 -6.24 18.20
N ALA A 232 4.33 -6.68 19.34
CA ALA A 232 3.77 -5.74 20.32
C ALA A 232 4.82 -4.86 20.93
N ALA A 233 5.99 -5.45 21.19
CA ALA A 233 7.07 -4.74 21.78
C ALA A 233 7.62 -3.58 20.94
N VAL A 234 7.87 -3.83 19.66
CA VAL A 234 8.38 -2.78 18.79
C VAL A 234 7.25 -1.77 18.47
N LEU A 235 6.03 -2.25 18.33
CA LEU A 235 4.94 -1.30 18.05
C LEU A 235 4.64 -0.36 19.22
N GLN A 236 4.90 -0.82 20.46
CA GLN A 236 4.78 0.04 21.59
C GLN A 236 5.66 1.28 21.53
N GLU A 237 6.90 1.09 21.06
CA GLU A 237 7.82 2.19 20.82
C GLU A 237 7.28 3.17 19.76
N VAL A 238 6.70 2.60 18.69
CA VAL A 238 6.15 3.39 17.59
C VAL A 238 4.97 4.24 18.09
N ASN A 239 4.07 3.62 18.84
CA ASN A 239 2.78 4.19 19.15
C ASN A 239 2.77 5.09 20.37
N GLY A 240 3.61 4.77 21.37
CA GLY A 240 3.58 5.60 22.60
C GLY A 240 2.25 5.49 23.34
N THR A 241 1.80 6.60 23.89
CA THR A 241 0.55 6.62 24.61
C THR A 241 -0.58 6.84 23.59
N PRO A 242 -1.56 5.93 23.53
CA PRO A 242 -2.48 6.01 22.42
C PRO A 242 -3.35 7.21 22.61
N GLY A 243 -3.54 7.99 21.54
CA GLY A 243 -4.27 9.22 21.57
C GLY A 243 -3.43 10.45 21.83
N GLN A 244 -2.15 10.26 22.11
CA GLN A 244 -1.26 11.41 22.28
C GLN A 244 -0.15 11.28 21.21
N THR A 245 0.96 11.97 21.38
CA THR A 245 2.01 11.98 20.33
C THR A 245 3.11 11.02 20.71
N SER A 246 3.52 10.15 19.82
CA SER A 246 4.60 9.21 20.11
C SER A 246 5.98 9.92 20.05
N GLN A 247 7.03 9.18 20.39
CA GLN A 247 8.36 9.80 20.45
C GLN A 247 8.80 10.18 19.05
N TYR A 248 8.19 9.58 18.03
CA TYR A 248 8.57 9.85 16.62
C TYR A 248 7.71 10.97 16.00
N GLY A 249 6.89 11.61 16.81
CA GLY A 249 6.03 12.73 16.42
C GLY A 249 4.70 12.25 15.83
N TYR A 250 4.42 10.96 15.86
CA TYR A 250 3.18 10.40 15.31
C TYR A 250 2.00 10.75 16.17
N LYS A 251 0.95 11.32 15.57
CA LYS A 251 -0.29 11.65 16.33
C LYS A 251 -1.47 11.44 15.37
N LEU A 252 -2.57 10.85 15.85
CA LEU A 252 -3.76 10.74 14.96
C LEU A 252 -4.28 12.13 14.57
N LEU A 253 -4.70 12.33 13.33
CA LEU A 253 -5.34 13.57 13.03
C LEU A 253 -6.66 13.76 13.80
N ASP A 254 -6.88 14.97 14.28
CA ASP A 254 -8.14 15.31 14.92
C ASP A 254 -9.35 15.06 14.06
N ASN A 255 -9.22 15.24 12.72
CA ASN A 255 -10.35 14.98 11.81
C ASN A 255 -9.94 13.93 10.80
N TYR A 256 -10.58 12.78 10.87
CA TYR A 256 -10.33 11.67 9.97
C TYR A 256 -10.40 12.13 8.52
N ASP A 257 -11.35 13.03 8.23
CA ASP A 257 -11.53 13.40 6.83
C ASP A 257 -10.29 14.10 6.26
N GLU A 258 -9.50 14.77 7.10
CA GLU A 258 -8.27 15.46 6.58
C GLU A 258 -7.11 14.55 6.18
N LEU A 259 -7.24 13.27 6.47
CA LEU A 259 -6.26 12.28 5.98
C LEU A 259 -6.25 12.28 4.45
N TRP A 260 -7.43 12.66 3.88
CA TRP A 260 -7.65 12.51 2.41
C TRP A 260 -7.58 13.85 1.69
N THR A 261 -7.24 14.90 2.41
CA THR A 261 -6.97 16.20 1.85
C THR A 261 -5.65 16.11 1.08
N VAL A 262 -5.74 16.27 -0.23
CA VAL A 262 -4.62 16.02 -1.14
C VAL A 262 -3.34 16.81 -0.81
N SER A 263 -3.49 18.07 -0.44
CA SER A 263 -2.35 18.89 -0.06
C SER A 263 -1.80 18.64 1.39
N ASN A 264 -2.52 17.84 2.19
CA ASN A 264 -2.15 17.60 3.58
C ASN A 264 -1.08 16.47 3.69
N LYS A 265 0.03 16.66 3.02
CA LYS A 265 1.04 15.66 2.89
C LYS A 265 1.94 15.56 4.12
N PHE A 266 2.35 14.35 4.36
CA PHE A 266 3.23 14.01 5.49
C PHE A 266 2.72 14.61 6.81
N ASN A 267 1.40 14.52 6.98
CA ASN A 267 0.73 15.01 8.24
C ASN A 267 1.14 14.16 9.45
N SER A 268 0.67 14.53 10.64
CA SER A 268 1.21 13.87 11.82
C SER A 268 0.91 12.40 11.94
N GLU A 269 -0.13 11.92 11.26
CA GLU A 269 -0.47 10.53 11.26
C GLU A 269 0.34 9.66 10.31
N SER A 270 1.06 10.27 9.39
CA SER A 270 1.85 9.55 8.41
C SER A 270 3.06 8.84 9.06
N ILE A 271 3.28 7.58 8.73
CA ILE A 271 4.46 6.82 9.17
C ILE A 271 5.37 6.52 7.99
N LEU A 272 4.82 5.87 6.99
CA LEU A 272 5.53 5.64 5.75
C LEU A 272 4.63 5.98 4.62
N GLU A 273 5.08 6.88 3.75
CA GLU A 273 4.19 7.54 2.78
C GLU A 273 4.89 7.72 1.44
N VAL A 274 4.25 7.30 0.37
CA VAL A 274 4.79 7.44 -1.00
C VAL A 274 4.49 8.82 -1.55
N ALA A 275 5.50 9.51 -2.07
CA ALA A 275 5.33 10.85 -2.62
C ALA A 275 4.98 10.74 -4.12
N HIS A 276 3.93 11.43 -4.48
CA HIS A 276 3.56 11.69 -5.85
C HIS A 276 3.59 13.19 -6.07
N THR A 277 3.70 13.63 -7.34
CA THR A 277 3.65 15.04 -7.68
C THR A 277 3.02 15.27 -9.07
N ASN A 278 2.62 16.51 -9.31
CA ASN A 278 2.13 16.94 -10.64
C ASN A 278 3.19 17.61 -11.48
N ALA A 279 4.38 17.79 -10.91
CA ALA A 279 5.41 18.55 -11.58
C ALA A 279 6.34 17.71 -12.48
N SER A 280 6.08 16.41 -12.66
CA SER A 280 6.87 15.63 -13.58
C SER A 280 6.39 15.74 -15.00
N GLY A 281 5.23 16.36 -15.23
CA GLY A 281 4.78 16.58 -16.62
C GLY A 281 4.60 15.31 -17.44
N SER A 282 3.98 14.31 -16.84
CA SER A 282 3.81 12.97 -17.47
C SER A 282 2.91 13.11 -18.69
N GLY A 283 3.31 12.45 -19.75
CA GLY A 283 2.43 12.26 -20.89
C GLY A 283 2.22 10.77 -21.18
N TRP A 284 1.43 10.50 -22.23
CA TRP A 284 1.07 9.12 -22.56
C TRP A 284 2.28 8.29 -22.91
N GLY A 285 3.32 8.97 -23.36
CA GLY A 285 4.57 8.34 -23.70
C GLY A 285 5.39 7.85 -22.55
N ASN A 286 5.17 8.38 -21.35
CA ASN A 286 5.90 7.77 -20.22
C ASN A 286 5.04 7.26 -19.09
N TRP A 287 3.75 7.06 -19.36
CA TRP A 287 2.83 6.69 -18.26
C TRP A 287 3.32 5.38 -17.65
N GLY A 288 3.49 5.37 -16.33
CA GLY A 288 3.90 4.16 -15.67
C GLY A 288 5.37 3.82 -15.74
N GLN A 289 6.19 4.71 -16.25
CA GLN A 289 7.65 4.49 -16.15
C GLN A 289 8.23 5.20 -14.96
N GLY A 290 9.51 4.97 -14.73
CA GLY A 290 10.16 5.54 -13.56
C GLY A 290 10.14 7.05 -13.53
N THR A 291 10.05 7.69 -14.69
CA THR A 291 10.04 9.12 -14.70
C THR A 291 8.63 9.66 -14.40
N ASP A 292 7.60 8.79 -14.42
CA ASP A 292 6.20 9.23 -14.16
C ASP A 292 5.86 9.25 -12.64
N GLU A 293 5.75 10.45 -12.08
CA GLU A 293 5.50 10.58 -10.69
C GLU A 293 4.03 10.78 -10.28
N GLY A 294 3.11 10.76 -11.26
CA GLY A 294 1.69 10.94 -10.99
C GLY A 294 1.05 9.75 -10.27
N ASN A 295 -0.06 10.04 -9.56
CA ASN A 295 -0.88 9.03 -8.87
C ASN A 295 -1.96 8.52 -9.85
N SER A 296 -1.80 7.27 -10.29
CA SER A 296 -2.71 6.63 -11.24
C SER A 296 -4.00 6.12 -10.62
N ILE A 297 -4.00 5.78 -9.30
CA ILE A 297 -5.21 5.40 -8.59
C ILE A 297 -6.24 6.54 -8.68
N ASN A 298 -5.79 7.75 -8.66
CA ASN A 298 -6.65 8.94 -8.73
C ASN A 298 -7.51 8.98 -10.05
N VAL A 299 -6.95 8.65 -11.20
CA VAL A 299 -7.74 8.58 -12.40
C VAL A 299 -8.53 7.27 -12.42
N MET A 300 -7.92 6.20 -12.03
CA MET A 300 -8.55 4.87 -12.16
C MET A 300 -9.86 4.76 -11.44
N LEU A 301 -9.96 5.35 -10.24
CA LEU A 301 -11.11 5.19 -9.37
C LEU A 301 -12.26 6.12 -9.61
N GLY A 302 -12.11 7.14 -10.44
CA GLY A 302 -13.18 8.12 -10.52
C GLY A 302 -14.41 7.58 -11.32
N PRO A 303 -15.61 8.15 -11.10
CA PRO A 303 -16.77 7.71 -11.93
C PRO A 303 -16.67 8.18 -13.43
N ARG A 304 -17.30 7.43 -14.32
CA ARG A 304 -17.33 7.69 -15.78
C ARG A 304 -18.45 8.67 -16.14
N SER A 305 -18.15 9.54 -17.12
CA SER A 305 -19.09 10.54 -17.63
C SER A 305 -19.83 11.27 -16.59
N TYR A 306 -19.09 11.80 -15.62
CA TYR A 306 -19.69 12.43 -14.48
C TYR A 306 -20.14 13.87 -14.79
N ASN A 307 -21.37 14.15 -14.46
CA ASN A 307 -21.85 15.51 -14.53
C ASN A 307 -22.41 16.00 -13.20
N GLN A 308 -21.93 17.12 -12.70
CA GLN A 308 -22.42 17.77 -11.50
C GLN A 308 -23.66 18.59 -11.90
N ILE A 309 -24.83 18.21 -11.46
CA ILE A 309 -26.08 18.98 -11.83
C ILE A 309 -26.38 20.08 -10.84
N THR A 310 -26.31 19.77 -9.54
CA THR A 310 -26.39 20.79 -8.52
C THR A 310 -25.19 20.81 -7.59
N GLU A 311 -25.11 21.84 -6.76
CA GLU A 311 -24.05 22.00 -5.75
C GLU A 311 -24.14 21.02 -4.59
N GLU A 312 -25.20 20.24 -4.51
CA GLU A 312 -25.29 19.16 -3.54
C GLU A 312 -24.25 18.04 -3.90
N ALA A 313 -23.81 17.96 -5.17
CA ALA A 313 -22.85 16.97 -5.61
C ALA A 313 -21.48 17.62 -5.77
N PRO A 314 -20.42 16.83 -5.68
CA PRO A 314 -19.09 17.42 -5.83
C PRO A 314 -18.82 17.71 -7.36
N ASP A 315 -17.84 18.54 -7.64
CA ASP A 315 -17.39 18.82 -9.03
C ASP A 315 -16.17 17.96 -9.33
N LEU A 316 -16.36 16.91 -10.15
CA LEU A 316 -15.33 15.92 -10.34
C LEU A 316 -14.96 15.81 -11.84
N PRO A 317 -13.67 15.64 -12.14
CA PRO A 317 -13.31 15.09 -13.47
C PRO A 317 -13.74 13.63 -13.56
N SER A 318 -13.90 13.10 -14.76
CA SER A 318 -14.28 11.71 -14.90
C SER A 318 -13.10 10.79 -14.84
N GLY A 319 -13.32 9.61 -14.32
CA GLY A 319 -12.29 8.61 -14.19
C GLY A 319 -12.66 7.32 -14.87
N TRP A 320 -11.96 6.23 -14.51
CA TRP A 320 -12.13 4.94 -15.24
C TRP A 320 -12.91 3.85 -14.46
N SER A 321 -13.47 4.25 -13.30
CA SER A 321 -14.41 3.40 -12.51
C SER A 321 -13.87 2.06 -12.07
N PHE A 322 -12.61 2.05 -11.63
CA PHE A 322 -11.99 0.90 -11.01
C PHE A 322 -12.31 0.95 -9.48
N ASN A 323 -12.17 -0.24 -8.84
CA ASN A 323 -12.49 -0.42 -7.41
C ASN A 323 -13.82 0.20 -6.98
N PRO A 324 -14.92 -0.18 -7.65
CA PRO A 324 -16.21 0.11 -7.03
C PRO A 324 -16.29 -0.47 -5.61
N VAL A 325 -17.03 0.20 -4.75
CA VAL A 325 -17.26 -0.25 -3.38
C VAL A 325 -18.49 -1.19 -3.39
N LEU A 326 -18.30 -2.37 -2.84
CA LEU A 326 -19.39 -3.37 -2.74
C LEU A 326 -20.39 -3.09 -1.65
N PRO A 327 -21.62 -3.57 -1.87
CA PRO A 327 -22.68 -3.35 -0.89
C PRO A 327 -22.40 -3.86 0.51
N GLU A 328 -21.66 -4.93 0.67
CA GLU A 328 -21.37 -5.36 2.03
C GLU A 328 -20.60 -4.26 2.83
N LEU A 329 -19.61 -3.64 2.20
CA LEU A 329 -18.87 -2.52 2.84
C LEU A 329 -19.77 -1.32 3.00
N TYR A 330 -20.53 -0.96 1.95
CA TYR A 330 -21.46 0.16 2.07
C TYR A 330 -22.33 0.03 3.33
N ASP A 331 -22.90 -1.17 3.54
CA ASP A 331 -23.90 -1.35 4.61
C ASP A 331 -23.22 -1.28 5.96
N LEU A 332 -21.96 -1.77 6.05
CA LEU A 332 -21.17 -1.61 7.29
C LEU A 332 -20.85 -0.17 7.61
N LEU A 333 -20.50 0.62 6.59
CA LEU A 333 -20.09 1.99 6.79
C LEU A 333 -21.24 2.97 6.90
N GLU A 334 -22.42 2.60 6.45
CA GLU A 334 -23.47 3.60 6.27
C GLU A 334 -23.80 4.47 7.50
N GLY A 335 -23.86 3.90 8.67
CA GLY A 335 -24.12 4.77 9.85
C GLY A 335 -22.85 5.23 10.57
N ASP A 336 -21.71 4.90 10.01
CA ASP A 336 -20.40 5.09 10.65
C ASP A 336 -19.85 6.47 10.26
N PRO A 337 -19.13 7.16 11.18
CA PRO A 337 -18.61 8.46 10.89
C PRO A 337 -17.66 8.54 9.68
N ARG A 338 -17.06 7.42 9.27
CA ARG A 338 -16.08 7.45 8.22
C ARG A 338 -16.74 7.25 6.82
N PHE A 339 -18.08 7.20 6.83
CA PHE A 339 -18.88 6.93 5.61
C PHE A 339 -18.59 7.94 4.52
N GLU A 340 -18.69 9.21 4.82
CA GLU A 340 -18.60 10.22 3.75
C GLU A 340 -17.18 10.31 3.16
N ALA A 341 -16.21 10.18 4.05
CA ALA A 341 -14.82 10.17 3.59
C ALA A 341 -14.49 8.99 2.71
N THR A 342 -15.08 7.85 3.02
CA THR A 342 -14.73 6.66 2.33
C THR A 342 -15.54 6.40 1.04
N ILE A 343 -16.82 6.78 1.05
CA ILE A 343 -17.71 6.31 -0.04
C ILE A 343 -18.35 7.51 -0.72
N LEU A 344 -18.18 7.54 -2.05
CA LEU A 344 -18.87 8.50 -2.89
C LEU A 344 -20.14 7.76 -3.38
N ASP A 345 -21.28 8.23 -2.93
CA ASP A 345 -22.57 7.55 -3.15
C ASP A 345 -23.29 8.13 -4.33
N LEU A 346 -22.87 7.68 -5.49
CA LEU A 346 -23.40 8.23 -6.73
C LEU A 346 -24.85 7.78 -6.89
N LYS A 347 -25.17 6.58 -6.41
CA LYS A 347 -26.61 6.14 -6.38
C LYS A 347 -27.51 7.20 -5.74
N ALA A 348 -27.17 7.62 -4.54
CA ALA A 348 -27.92 8.63 -3.84
C ALA A 348 -27.94 9.99 -4.53
N LEU A 349 -26.79 10.41 -5.07
CA LEU A 349 -26.73 11.67 -5.79
C LEU A 349 -27.61 11.63 -7.07
N GLU A 350 -27.63 10.49 -7.75
CA GLU A 350 -28.50 10.34 -8.95
C GLU A 350 -29.96 10.42 -8.56
N GLU A 351 -30.26 9.69 -7.50
CA GLU A 351 -31.61 9.69 -6.95
C GLU A 351 -32.07 11.09 -6.53
N ALA A 352 -31.20 11.92 -5.97
CA ALA A 352 -31.59 13.30 -5.61
C ALA A 352 -31.59 14.27 -6.79
N GLY A 353 -31.19 13.84 -7.97
CA GLY A 353 -31.02 14.74 -9.09
C GLY A 353 -29.80 15.61 -9.06
N ALA A 354 -28.82 15.29 -8.19
CA ALA A 354 -27.70 16.20 -8.01
C ALA A 354 -26.51 16.00 -8.95
N ALA A 355 -26.40 14.81 -9.45
CA ALA A 355 -25.39 14.42 -10.42
C ALA A 355 -25.90 13.36 -11.35
N SER A 356 -25.19 13.19 -12.47
CA SER A 356 -25.32 11.96 -13.25
C SER A 356 -23.96 11.29 -13.53
N TYR A 357 -24.00 10.04 -13.88
CA TYR A 357 -22.83 9.28 -14.29
C TYR A 357 -23.21 8.16 -15.22
N VAL A 358 -22.22 7.52 -15.82
CA VAL A 358 -22.46 6.35 -16.63
C VAL A 358 -21.74 5.14 -16.02
N PRO A 359 -22.46 4.05 -15.73
CA PRO A 359 -21.90 2.84 -15.17
C PRO A 359 -20.84 2.21 -15.97
N GLY A 360 -19.78 1.80 -15.28
CA GLY A 360 -18.69 1.02 -15.85
C GLY A 360 -18.99 -0.41 -15.53
N TYR A 361 -18.02 -1.29 -15.70
CA TYR A 361 -18.21 -2.68 -15.47
C TYR A 361 -18.36 -2.99 -13.98
N GLN A 362 -19.38 -3.78 -13.68
CA GLN A 362 -19.75 -4.17 -12.32
C GLN A 362 -19.94 -3.00 -11.40
N ASP A 363 -20.47 -1.91 -11.94
CA ASP A 363 -20.90 -0.74 -11.24
C ASP A 363 -21.76 -1.13 -10.05
N THR A 364 -21.61 -0.42 -8.93
CA THR A 364 -22.47 -0.59 -7.75
C THR A 364 -23.16 0.70 -7.43
N GLY A 365 -22.71 1.80 -8.04
CA GLY A 365 -23.15 3.14 -7.68
C GLY A 365 -22.38 3.79 -6.50
N TYR A 366 -21.43 3.05 -5.99
CA TYR A 366 -20.64 3.44 -4.86
C TYR A 366 -19.20 3.46 -5.28
N PHE A 367 -18.49 4.54 -4.92
CA PHE A 367 -17.08 4.69 -5.35
C PHE A 367 -16.17 5.01 -4.17
N LEU A 368 -14.88 4.75 -4.33
CA LEU A 368 -13.91 4.87 -3.21
C LEU A 368 -13.42 6.33 -3.13
N ASN A 369 -14.14 7.15 -2.38
CA ASN A 369 -13.99 8.58 -2.32
C ASN A 369 -12.64 9.08 -1.85
N LYS A 370 -11.96 8.28 -1.00
CA LYS A 370 -10.67 8.70 -0.44
C LYS A 370 -9.66 9.17 -1.52
N PHE A 371 -9.73 8.57 -2.71
CA PHE A 371 -8.74 8.77 -3.80
C PHE A 371 -9.35 9.29 -5.09
N ILE A 372 -10.50 9.91 -4.98
CA ILE A 372 -11.19 10.51 -6.15
C ILE A 372 -10.97 12.02 -6.18
N PRO A 373 -10.26 12.55 -7.21
CA PRO A 373 -9.88 13.94 -7.27
C PRO A 373 -11.11 14.78 -7.60
N ARG A 374 -11.13 15.99 -7.10
CA ARG A 374 -12.06 17.02 -7.51
C ARG A 374 -11.45 17.86 -8.66
N VAL A 375 -12.24 18.77 -9.28
CA VAL A 375 -11.65 19.61 -10.38
C VAL A 375 -10.54 20.47 -9.83
N THR A 376 -10.57 20.76 -8.54
CA THR A 376 -9.50 21.54 -7.91
C THR A 376 -8.17 20.81 -7.84
N ASP A 377 -8.19 19.50 -8.04
CA ASP A 377 -6.99 18.66 -8.04
C ASP A 377 -6.40 18.42 -9.43
N VAL A 378 -7.02 18.99 -10.46
CA VAL A 378 -6.54 18.80 -11.81
C VAL A 378 -5.36 19.79 -12.05
N THR A 379 -4.22 19.26 -12.47
CA THR A 379 -3.02 20.09 -12.64
C THR A 379 -3.27 21.25 -13.62
N THR A 380 -2.60 22.37 -13.36
CA THR A 380 -2.43 23.44 -14.36
C THR A 380 -1.06 23.46 -15.01
N LEU A 381 -0.18 22.56 -14.59
CA LEU A 381 1.17 22.46 -15.15
C LEU A 381 1.18 21.60 -16.39
N THR A 382 2.25 21.66 -17.13
CA THR A 382 2.41 20.84 -18.33
C THR A 382 2.20 19.41 -18.01
N GLY A 383 1.55 18.69 -18.93
CA GLY A 383 1.40 17.25 -18.84
C GLY A 383 -0.07 16.90 -19.07
N GLU A 384 -0.34 15.61 -19.30
CA GLU A 384 -1.74 15.19 -19.45
C GLU A 384 -2.49 15.30 -18.12
N PRO A 385 -3.64 15.94 -18.10
CA PRO A 385 -4.35 16.14 -16.84
C PRO A 385 -4.52 14.86 -15.99
N VAL A 386 -4.96 13.77 -16.62
CA VAL A 386 -5.27 12.58 -15.80
C VAL A 386 -4.04 11.84 -15.32
N LEU A 387 -2.87 12.15 -15.87
CA LEU A 387 -1.64 11.46 -15.50
C LEU A 387 -0.79 12.23 -14.49
N ASN A 388 -1.26 13.39 -14.05
CA ASN A 388 -0.49 14.21 -13.15
C ASN A 388 -1.27 14.60 -11.87
N TYR A 389 -2.18 13.74 -11.46
CA TYR A 389 -2.74 13.77 -10.11
C TYR A 389 -1.67 13.50 -9.08
N ARG A 390 -1.78 14.16 -7.92
CA ARG A 390 -0.65 14.15 -7.01
C ARG A 390 -0.87 13.75 -5.54
N GLN A 391 -1.95 13.05 -5.26
CA GLN A 391 -2.20 12.59 -3.88
C GLN A 391 -1.09 11.59 -3.50
N ASN A 392 -0.69 11.64 -2.24
CA ASN A 392 0.27 10.66 -1.73
C ASN A 392 -0.46 9.43 -1.29
N THR A 393 0.31 8.42 -0.86
CA THR A 393 -0.23 7.11 -0.45
C THR A 393 0.36 6.70 0.88
N TYR A 394 -0.51 6.32 1.82
CA TYR A 394 -0.04 5.90 3.13
C TYR A 394 0.29 4.43 3.02
N VAL A 395 1.57 4.08 3.12
CA VAL A 395 1.95 2.67 3.20
C VAL A 395 1.67 2.17 4.67
N ILE A 396 2.01 3.02 5.62
CA ILE A 396 1.71 2.80 7.03
C ILE A 396 1.32 4.13 7.63
N ARG A 397 0.20 4.17 8.32
CA ARG A 397 -0.25 5.31 9.10
C ARG A 397 -0.62 4.87 10.54
N LEU A 398 -0.64 5.80 11.44
CA LEU A 398 -0.71 5.50 12.90
C LEU A 398 -1.97 4.78 13.33
N ALA A 399 -3.15 5.00 12.71
CA ALA A 399 -4.29 4.18 13.14
C ALA A 399 -4.04 2.71 12.89
N ASP A 400 -3.32 2.42 11.80
CA ASP A 400 -3.04 1.04 11.41
C ASP A 400 -2.05 0.43 12.47
N THR A 401 -1.03 1.16 12.86
CA THR A 401 -0.12 0.61 13.88
C THR A 401 -0.76 0.45 15.28
N TYR A 402 -1.69 1.31 15.64
CA TYR A 402 -2.47 1.09 16.87
C TYR A 402 -3.20 -0.25 16.84
N LEU A 403 -3.91 -0.46 15.74
CA LEU A 403 -4.72 -1.65 15.52
C LEU A 403 -3.80 -2.89 15.45
N MET A 404 -2.64 -2.78 14.84
CA MET A 404 -1.69 -3.91 14.75
C MET A 404 -1.15 -4.24 16.15
N GLU A 405 -0.80 -3.26 16.95
CA GLU A 405 -0.33 -3.57 18.30
C GLU A 405 -1.44 -4.26 19.14
N ALA A 406 -2.68 -3.77 19.06
CA ALA A 406 -3.76 -4.34 19.79
C ALA A 406 -3.94 -5.75 19.40
N GLU A 407 -3.84 -6.06 18.10
CA GLU A 407 -3.93 -7.42 17.62
C GLU A 407 -2.78 -8.30 18.14
N ALA A 408 -1.58 -7.73 18.17
CA ALA A 408 -0.41 -8.43 18.60
C ALA A 408 -0.51 -8.82 20.09
N LEU A 409 -1.20 -7.99 20.84
CA LEU A 409 -1.57 -8.24 22.23
C LEU A 409 -2.75 -9.21 22.44
N GLY A 410 -3.20 -9.87 21.41
CA GLY A 410 -4.23 -10.84 21.53
C GLY A 410 -5.60 -10.26 21.64
N GLY A 411 -5.73 -8.96 21.42
CA GLY A 411 -6.99 -8.28 21.60
C GLY A 411 -7.55 -8.29 23.01
N SER A 412 -6.63 -8.18 23.97
CA SER A 412 -6.91 -8.42 25.38
C SER A 412 -6.01 -7.56 26.28
N GLY A 413 -6.56 -6.97 27.34
CA GLY A 413 -5.80 -6.20 28.30
C GLY A 413 -5.96 -4.71 28.12
N ALA A 414 -5.42 -3.95 29.06
CA ALA A 414 -5.73 -2.54 29.14
C ALA A 414 -5.09 -1.74 27.96
N ARG A 415 -3.92 -2.18 27.53
CA ARG A 415 -3.20 -1.44 26.51
C ARG A 415 -3.93 -1.66 25.18
N ALA A 416 -4.28 -2.92 24.90
CA ALA A 416 -5.07 -3.24 23.71
C ALA A 416 -6.38 -2.43 23.68
N GLN A 417 -7.07 -2.36 24.81
CA GLN A 417 -8.32 -1.57 24.91
C GLN A 417 -8.07 -0.09 24.65
N ALA A 418 -7.00 0.46 25.21
CA ALA A 418 -6.70 1.87 25.04
C ALA A 418 -6.40 2.14 23.54
N LEU A 419 -5.69 1.22 22.88
CA LEU A 419 -5.38 1.39 21.43
C LEU A 419 -6.65 1.39 20.57
N LEU A 420 -7.56 0.43 20.78
CA LEU A 420 -8.86 0.44 20.08
C LEU A 420 -9.66 1.64 20.45
N ASP A 421 -9.70 1.98 21.74
CA ASP A 421 -10.44 3.17 22.17
C ASP A 421 -10.03 4.43 21.42
N ALA A 422 -8.72 4.61 21.27
CA ALA A 422 -8.19 5.81 20.63
C ALA A 422 -8.59 5.95 19.16
N VAL A 423 -8.55 4.85 18.41
CA VAL A 423 -8.98 4.89 17.00
C VAL A 423 -10.46 5.26 16.94
N ARG A 424 -11.27 4.64 17.80
CA ARG A 424 -12.70 4.89 17.75
C ARG A 424 -13.03 6.32 18.20
N ALA A 425 -12.40 6.78 19.27
CA ALA A 425 -12.66 8.08 19.80
C ALA A 425 -12.34 9.18 18.82
N ARG A 426 -11.32 8.97 17.99
CA ARG A 426 -10.94 9.99 17.01
C ARG A 426 -12.11 10.31 16.07
N VAL A 427 -12.93 9.31 15.77
CA VAL A 427 -14.17 9.56 14.98
C VAL A 427 -15.48 9.63 15.77
N GLY A 428 -15.38 9.78 17.10
CA GLY A 428 -16.55 9.97 17.97
C GLY A 428 -17.34 8.72 18.25
N LEU A 429 -16.71 7.58 18.15
CA LEU A 429 -17.38 6.33 18.46
C LEU A 429 -17.05 6.01 19.96
N PRO A 430 -18.05 5.58 20.72
CA PRO A 430 -17.78 5.20 22.11
C PRO A 430 -16.91 3.93 22.20
N SER A 431 -16.27 3.72 23.36
CA SER A 431 -15.62 2.49 23.68
C SER A 431 -16.47 1.25 23.38
N THR A 432 -15.83 0.20 22.89
CA THR A 432 -16.42 -1.11 22.73
C THR A 432 -15.37 -2.13 23.28
N PRO A 433 -15.81 -3.21 23.92
CA PRO A 433 -14.84 -4.17 24.52
C PRO A 433 -13.87 -4.76 23.48
N VAL A 434 -12.59 -4.72 23.79
CA VAL A 434 -11.58 -5.16 22.87
C VAL A 434 -11.63 -6.66 22.70
N SER A 435 -11.39 -7.11 21.48
CA SER A 435 -11.23 -8.51 21.14
C SER A 435 -10.65 -8.59 19.74
N LEU A 436 -10.10 -9.76 19.37
CA LEU A 436 -9.63 -9.93 18.00
C LEU A 436 -10.72 -9.61 16.97
N THR A 437 -11.94 -10.10 17.21
CA THR A 437 -13.07 -9.79 16.34
C THR A 437 -13.37 -8.28 16.20
N ALA A 438 -13.35 -7.56 17.31
CA ALA A 438 -13.65 -6.10 17.27
C ALA A 438 -12.53 -5.31 16.55
N ILE A 439 -11.28 -5.78 16.70
CA ILE A 439 -10.14 -5.20 16.00
C ILE A 439 -10.27 -5.44 14.50
N ALA A 440 -10.61 -6.67 14.06
CA ALA A 440 -10.73 -6.93 12.64
C ALA A 440 -11.81 -6.08 12.02
N LYS A 441 -12.94 -5.95 12.70
CA LYS A 441 -14.04 -5.06 12.25
C LYS A 441 -13.59 -3.61 12.15
N GLU A 442 -12.89 -3.11 13.16
CA GLU A 442 -12.39 -1.76 13.15
C GLU A 442 -11.43 -1.53 11.97
N ARG A 443 -10.54 -2.47 11.68
CA ARG A 443 -9.62 -2.31 10.58
C ARG A 443 -10.39 -2.17 9.27
N ARG A 444 -11.47 -2.91 9.12
CA ARG A 444 -12.22 -2.85 7.87
C ARG A 444 -12.89 -1.52 7.66
N LEU A 445 -13.32 -0.88 8.73
CA LEU A 445 -13.99 0.43 8.66
C LEU A 445 -12.95 1.58 8.55
N GLU A 446 -11.80 1.44 9.22
CA GLU A 446 -10.81 2.50 9.26
C GLU A 446 -9.94 2.59 7.97
N LEU A 447 -9.53 1.42 7.41
CA LEU A 447 -8.55 1.29 6.37
C LEU A 447 -9.08 0.89 4.98
N ALA A 448 -10.39 1.01 4.79
CA ALA A 448 -11.03 0.52 3.58
C ALA A 448 -10.41 1.20 2.34
N GLY A 449 -10.04 0.39 1.34
CA GLY A 449 -9.53 0.90 0.07
C GLY A 449 -8.05 1.24 0.06
N GLU A 450 -7.37 1.03 1.21
CA GLU A 450 -5.95 1.31 1.32
C GLU A 450 -5.08 0.08 1.05
N GLY A 451 -5.66 -0.99 0.50
CA GLY A 451 -4.86 -2.12 0.03
C GLY A 451 -4.49 -3.19 1.06
N HIS A 452 -5.16 -3.21 2.20
CA HIS A 452 -4.80 -4.14 3.26
C HIS A 452 -5.78 -5.32 3.47
N ARG A 453 -6.97 -5.20 2.95
CA ARG A 453 -8.07 -6.10 3.34
C ARG A 453 -7.78 -7.52 2.90
N PHE A 454 -7.32 -7.68 1.68
CA PHE A 454 -7.03 -8.99 1.18
C PHE A 454 -5.98 -9.70 2.01
N TYR A 455 -4.87 -9.05 2.30
CA TYR A 455 -3.78 -9.69 3.07
C TYR A 455 -4.21 -9.94 4.55
N ASP A 456 -5.02 -9.04 5.10
CA ASP A 456 -5.62 -9.21 6.42
C ASP A 456 -6.49 -10.45 6.48
N LEU A 457 -7.33 -10.66 5.46
CA LEU A 457 -8.13 -11.88 5.39
C LEU A 457 -7.26 -13.11 5.29
N VAL A 458 -6.25 -13.08 4.44
CA VAL A 458 -5.40 -14.23 4.22
C VAL A 458 -4.61 -14.56 5.49
N ARG A 459 -3.90 -13.60 6.06
CA ARG A 459 -3.09 -13.87 7.24
C ARG A 459 -3.92 -14.27 8.50
N THR A 460 -5.18 -13.89 8.61
CA THR A 460 -6.01 -14.28 9.74
C THR A 460 -6.84 -15.54 9.48
N GLY A 461 -6.61 -16.18 8.34
CA GLY A 461 -7.36 -17.40 7.98
C GLY A 461 -8.82 -17.23 7.66
N LYS A 462 -9.23 -16.02 7.27
CA LYS A 462 -10.61 -15.73 7.02
C LYS A 462 -10.91 -15.61 5.56
N ALA A 463 -9.92 -15.69 4.70
CA ALA A 463 -10.09 -15.41 3.26
C ALA A 463 -11.04 -16.37 2.50
N ALA A 464 -10.78 -17.66 2.63
CA ALA A 464 -11.66 -18.69 2.00
C ALA A 464 -13.11 -18.48 2.33
N GLU A 465 -13.42 -18.28 3.60
CA GLU A 465 -14.78 -18.01 3.98
C GLU A 465 -15.33 -16.69 3.48
N ALA A 466 -14.53 -15.64 3.52
CA ALA A 466 -15.01 -14.35 3.04
C ALA A 466 -15.16 -14.27 1.51
N LEU A 467 -14.34 -15.00 0.81
CA LEU A 467 -14.24 -14.85 -0.67
C LEU A 467 -14.67 -16.08 -1.49
N SER A 468 -15.09 -17.16 -0.83
CA SER A 468 -15.50 -18.41 -1.53
C SER A 468 -16.49 -18.11 -2.64
N ASP A 469 -17.49 -17.24 -2.37
CA ASP A 469 -18.50 -16.88 -3.35
C ASP A 469 -18.04 -16.05 -4.57
N ARG A 470 -16.81 -15.54 -4.51
CA ARG A 470 -16.17 -14.80 -5.60
C ARG A 470 -15.30 -15.75 -6.39
N GLY A 471 -15.15 -17.00 -5.91
CA GLY A 471 -14.39 -18.03 -6.65
C GLY A 471 -13.09 -18.40 -6.03
N PHE A 472 -12.75 -17.75 -4.91
CA PHE A 472 -11.54 -18.07 -4.15
C PHE A 472 -11.48 -19.57 -3.82
N LYS A 473 -10.33 -20.18 -4.06
CA LYS A 473 -10.07 -21.58 -3.79
C LYS A 473 -9.00 -21.72 -2.72
N ALA A 474 -9.39 -22.31 -1.59
CA ALA A 474 -8.48 -22.56 -0.49
C ALA A 474 -7.30 -23.40 -0.91
N GLY A 475 -6.14 -23.07 -0.37
CA GLY A 475 -4.89 -23.74 -0.69
C GLY A 475 -4.34 -23.28 -2.04
N VAL A 476 -5.04 -22.38 -2.75
CA VAL A 476 -4.55 -21.87 -4.03
C VAL A 476 -4.39 -20.31 -4.01
N ASN A 477 -5.52 -19.64 -3.85
CA ASN A 477 -5.62 -18.22 -4.10
C ASN A 477 -5.19 -17.34 -2.90
N GLU A 478 -4.54 -17.93 -1.88
CA GLU A 478 -4.01 -17.10 -0.79
C GLU A 478 -2.86 -16.23 -1.29
N ILE A 479 -2.14 -16.77 -2.29
CA ILE A 479 -1.07 -16.13 -2.91
C ILE A 479 -1.38 -16.09 -4.38
N LEU A 480 -0.61 -15.30 -5.11
CA LEU A 480 -0.87 -15.12 -6.54
C LEU A 480 0.06 -16.05 -7.32
N PRO A 481 -0.32 -16.35 -8.57
CA PRO A 481 0.57 -17.10 -9.47
C PRO A 481 1.82 -16.35 -9.84
N ILE A 482 2.91 -17.09 -10.05
CA ILE A 482 4.14 -16.50 -10.54
C ILE A 482 3.95 -16.28 -12.04
N PRO A 483 4.25 -15.06 -12.53
CA PRO A 483 4.08 -14.74 -13.95
C PRO A 483 4.81 -15.75 -14.84
N PHE A 484 4.14 -16.28 -15.85
CA PHE A 484 4.67 -17.43 -16.64
C PHE A 484 6.05 -17.22 -17.16
N GLN A 485 6.35 -15.98 -17.59
CA GLN A 485 7.67 -15.68 -18.13
C GLN A 485 8.81 -15.78 -17.14
N GLU A 486 8.52 -15.69 -15.84
CA GLU A 486 9.58 -15.87 -14.84
C GLU A 486 9.99 -17.38 -14.63
N LEU A 487 9.26 -18.31 -15.23
CA LEU A 487 9.61 -19.74 -15.17
C LEU A 487 10.49 -20.19 -16.37
N GLN A 488 10.34 -19.53 -17.52
CA GLN A 488 11.10 -19.82 -18.77
C GLN A 488 12.63 -19.72 -18.60
N SER A 489 13.33 -20.86 -18.75
CA SER A 489 14.81 -20.90 -18.62
C SER A 489 15.31 -20.64 -17.18
N THR A 490 14.49 -20.95 -16.19
CA THR A 490 14.88 -20.72 -14.80
C THR A 490 14.63 -21.96 -13.95
N GLN A 491 15.04 -21.87 -12.68
CA GLN A 491 14.73 -22.85 -11.62
C GLN A 491 13.45 -22.58 -10.88
N ILE A 492 12.69 -21.56 -11.26
CA ILE A 492 11.49 -21.16 -10.52
C ILE A 492 10.36 -22.11 -10.82
N VAL A 493 9.67 -22.56 -9.78
CA VAL A 493 8.52 -23.45 -9.84
C VAL A 493 7.23 -22.69 -9.54
N GLN A 494 6.16 -23.06 -10.23
CA GLN A 494 4.87 -22.39 -10.11
C GLN A 494 4.26 -22.68 -8.76
N ASN A 495 3.40 -21.78 -8.28
CA ASN A 495 2.82 -21.92 -6.96
C ASN A 495 1.74 -22.94 -7.06
N PRO A 496 1.34 -23.52 -5.90
CA PRO A 496 0.36 -24.61 -5.86
C PRO A 496 -1.00 -24.33 -6.43
N GLY A 497 -1.41 -25.20 -7.36
CA GLY A 497 -2.76 -25.13 -7.91
C GLY A 497 -2.85 -24.23 -9.13
N TYR A 498 -1.76 -23.67 -9.58
CA TYR A 498 -1.80 -22.80 -10.76
C TYR A 498 -1.16 -23.43 -11.98
#